data_8QLK
#
_entry.id   8QLK
#
_cell.length_a   52.976
_cell.length_b   111.501
_cell.length_c   56.280
_cell.angle_alpha   90.00
_cell.angle_beta   108.04
_cell.angle_gamma   90.00
#
_symmetry.space_group_name_H-M   'P 1 21 1'
#
loop_
_entity.id
_entity.type
_entity.pdbx_description
1 polymer 'Oligopeptide-binding protein AliB'
2 polymer ALA-ILE-GLN-SER-GLU-LYS-ALA-ARG-LYS-HIS-ASN
3 water water
#
loop_
_entity_poly.entity_id
_entity_poly.type
_entity_poly.pdbx_seq_one_letter_code
_entity_poly.pdbx_strand_id
1 'polypeptide(L)'
;NSSTASKTYNYVYSSDPSSLNYLAENRAATSDIVANLVDGLLENDQYGNIIPSLAEDWTVSQDGLTYTYKLRKDAKWFTS
EGEEYAPVTAQDFVTGLQYAADKKSEALYLVQDSVAGLDDYITGKTSDFSTVGVKALDDQTVQYTLVKPELYWNSKTLAT
ILFPVNADFLKSKGDDFGKADPSSILYNGPFLMKALVSKSAIEYKKNPNYWDAKNVFVDDVKLTYYDGSDQESLERNFTA
GAYTTARLFPNSSSYEGIKEKYKNNIIYSMQNSTSYFFNFNLDRKSYNYTSKTSDIEKKSTQEAVLNKNFRQAINFAFDR
TSYGAQSEGKEGATKILRNLVVPPNFVSIKGKDFGEVVASKMVNYGKEWQGINFADGQDPYYNPEKAKAKFAEAKKELEA
KGVQFPIHLDKTVEVTDKVGIQGVSSIKQSIESVLGSDNVVIDIQQLTSDEFDSSGYFAQTAAQKDYDLYHGGWGPDYQD
PSTYLDIFNTNSGGFLQNLGLEPGEANDKAKAVGLDVYTQMLEEANKEQDPAKRYEKYADIQAWLIDSSLVLPSVSRGGT
PSLRRTVPFAAAYGLTGTKGVESYKYLKVQDKIVTTDEYAKAREKWLKEKEESNKKAQEELAKHVK
;
A
2 'polypeptide(L)' AIQSEKARKHN B
#
# COMPACT_ATOMS: atom_id res chain seq x y z
N SER A 6 -0.96 -33.14 5.92
CA SER A 6 -0.64 -31.92 5.21
C SER A 6 -0.19 -30.83 6.19
N LYS A 7 0.22 -29.70 5.63
CA LYS A 7 0.67 -28.56 6.41
C LYS A 7 -0.24 -27.35 6.19
N THR A 8 -0.56 -26.67 7.28
CA THR A 8 -1.57 -25.62 7.32
C THR A 8 -0.93 -24.34 7.85
N TYR A 9 -1.31 -23.22 7.24
CA TYR A 9 -0.98 -21.90 7.75
C TYR A 9 -2.26 -21.25 8.27
N ASN A 10 -2.25 -20.88 9.56
CA ASN A 10 -3.41 -20.28 10.21
C ASN A 10 -3.01 -18.93 10.79
N TYR A 11 -3.71 -17.88 10.39
CA TYR A 11 -3.56 -16.57 11.01
C TYR A 11 -4.88 -15.83 10.87
N VAL A 12 -4.84 -14.50 10.96
CA VAL A 12 -6.03 -13.67 10.94
C VAL A 12 -5.97 -12.69 9.77
N TYR A 13 -7.11 -12.07 9.49
CA TYR A 13 -7.21 -10.94 8.58
C TYR A 13 -8.14 -9.92 9.20
N SER A 14 -8.17 -8.72 8.61
CA SER A 14 -8.97 -7.64 9.16
C SER A 14 -9.83 -6.91 8.15
N SER A 15 -9.64 -7.13 6.85
CA SER A 15 -10.37 -6.39 5.82
C SER A 15 -11.09 -7.38 4.92
N ASP A 16 -12.42 -7.40 5.02
CA ASP A 16 -13.21 -8.05 3.99
C ASP A 16 -13.10 -7.26 2.69
N PRO A 17 -13.01 -7.93 1.54
CA PRO A 17 -12.92 -7.20 0.28
C PRO A 17 -14.30 -6.76 -0.20
N SER A 18 -14.34 -5.58 -0.82
CA SER A 18 -15.57 -5.15 -1.47
C SER A 18 -15.79 -5.86 -2.79
N SER A 19 -14.76 -6.51 -3.30
CA SER A 19 -14.77 -7.04 -4.65
C SER A 19 -13.60 -7.99 -4.83
N LEU A 20 -13.76 -8.94 -5.74
CA LEU A 20 -12.66 -9.75 -6.25
C LEU A 20 -12.17 -9.26 -7.61
N ASN A 21 -12.66 -8.11 -8.07
CA ASN A 21 -12.35 -7.60 -9.41
C ASN A 21 -10.94 -7.02 -9.38
N TYR A 22 -9.96 -7.89 -9.62
CA TYR A 22 -8.57 -7.48 -9.60
C TYR A 22 -8.21 -6.56 -10.75
N LEU A 23 -9.04 -6.48 -11.78
CA LEU A 23 -8.82 -5.56 -12.89
C LEU A 23 -9.35 -4.17 -12.62
N ALA A 24 -10.36 -4.03 -11.75
CA ALA A 24 -10.99 -2.74 -11.49
C ALA A 24 -10.56 -2.09 -10.18
N GLU A 25 -10.06 -2.85 -9.22
CA GLU A 25 -9.79 -2.32 -7.90
C GLU A 25 -8.35 -1.84 -7.78
N ASN A 26 -8.14 -0.88 -6.87
CA ASN A 26 -6.80 -0.48 -6.45
C ASN A 26 -6.65 -0.52 -4.93
N ARG A 27 -7.56 -1.22 -4.24
CA ARG A 27 -7.51 -1.37 -2.80
C ARG A 27 -6.78 -2.66 -2.44
N ALA A 28 -5.91 -2.59 -1.43
CA ALA A 28 -5.16 -3.77 -1.02
C ALA A 28 -6.09 -4.90 -0.60
N ALA A 29 -7.29 -4.57 -0.11
CA ALA A 29 -8.23 -5.60 0.34
C ALA A 29 -8.54 -6.61 -0.75
N THR A 30 -8.43 -6.21 -2.01
CA THR A 30 -8.67 -7.10 -3.14
C THR A 30 -7.38 -7.75 -3.64
N SER A 31 -6.32 -6.96 -3.85
CA SER A 31 -5.09 -7.51 -4.41
C SER A 31 -4.44 -8.51 -3.45
N ASP A 32 -4.54 -8.28 -2.14
CA ASP A 32 -3.95 -9.21 -1.18
C ASP A 32 -4.50 -10.61 -1.35
N ILE A 33 -5.79 -10.73 -1.68
CA ILE A 33 -6.41 -12.04 -1.85
C ILE A 33 -6.11 -12.62 -3.23
N VAL A 34 -6.31 -11.81 -4.28
CA VAL A 34 -6.14 -12.30 -5.65
C VAL A 34 -4.69 -12.66 -5.94
N ALA A 35 -3.75 -12.12 -5.17
CA ALA A 35 -2.34 -12.51 -5.30
C ALA A 35 -2.17 -14.02 -5.17
N ASN A 36 -3.03 -14.68 -4.40
CA ASN A 36 -2.95 -16.12 -4.19
C ASN A 36 -3.80 -16.92 -5.18
N LEU A 37 -4.57 -16.24 -6.04
CA LEU A 37 -5.52 -16.93 -6.90
C LEU A 37 -5.26 -16.74 -8.38
N VAL A 38 -4.62 -15.64 -8.78
CA VAL A 38 -4.37 -15.35 -10.18
C VAL A 38 -2.91 -14.96 -10.33
N ASP A 39 -2.23 -15.52 -11.31
CA ASP A 39 -0.85 -15.19 -11.62
C ASP A 39 -0.79 -14.24 -12.82
N GLY A 40 0.25 -13.42 -12.84
CA GLY A 40 0.56 -12.59 -13.97
C GLY A 40 1.75 -13.10 -14.75
N LEU A 41 2.36 -12.21 -15.54
CA LEU A 41 3.45 -12.60 -16.41
C LEU A 41 4.69 -13.00 -15.59
N LEU A 42 5.01 -12.27 -14.53
CA LEU A 42 6.22 -12.49 -13.76
C LEU A 42 5.89 -12.50 -12.27
N GLU A 43 6.85 -12.94 -11.46
CA GLU A 43 6.66 -12.97 -10.01
C GLU A 43 8.01 -12.79 -9.33
N ASN A 44 8.03 -12.98 -8.00
CA ASN A 44 9.21 -12.76 -7.19
C ASN A 44 9.75 -14.08 -6.64
N ASP A 45 11.06 -14.13 -6.45
CA ASP A 45 11.69 -15.22 -5.72
C ASP A 45 11.86 -14.80 -4.26
N GLN A 46 12.64 -15.58 -3.50
CA GLN A 46 12.85 -15.25 -2.10
C GLN A 46 13.78 -14.06 -1.89
N TYR A 47 14.37 -13.50 -2.96
CA TYR A 47 15.36 -12.43 -2.84
C TYR A 47 14.90 -11.13 -3.49
N GLY A 48 13.68 -11.05 -3.99
CA GLY A 48 13.23 -9.85 -4.66
C GLY A 48 13.54 -9.76 -6.14
N ASN A 49 14.16 -10.79 -6.71
CA ASN A 49 14.36 -10.81 -8.15
C ASN A 49 13.01 -11.00 -8.85
N ILE A 50 12.92 -10.49 -10.06
CA ILE A 50 11.75 -10.71 -10.90
C ILE A 50 12.02 -11.94 -11.77
N ILE A 51 11.24 -12.99 -11.55
CA ILE A 51 11.49 -14.30 -12.14
C ILE A 51 10.29 -14.74 -12.97
N PRO A 52 10.42 -15.77 -13.81
CA PRO A 52 9.28 -16.25 -14.57
C PRO A 52 8.08 -16.63 -13.70
N SER A 53 6.93 -16.57 -14.36
CA SER A 53 5.58 -16.85 -13.86
C SER A 53 4.88 -17.43 -15.08
N LEU A 54 3.58 -17.17 -15.25
CA LEU A 54 2.91 -17.52 -16.50
C LEU A 54 3.81 -17.39 -17.72
N ALA A 55 4.57 -16.30 -17.80
CA ALA A 55 5.59 -16.15 -18.85
C ALA A 55 6.86 -16.89 -18.45
N GLU A 56 7.30 -17.82 -19.29
CA GLU A 56 8.53 -18.58 -19.04
C GLU A 56 9.77 -17.92 -19.62
N ASP A 57 9.60 -16.96 -20.50
CA ASP A 57 10.70 -16.20 -21.08
C ASP A 57 10.16 -14.88 -21.60
N TRP A 58 11.07 -13.93 -21.82
CA TRP A 58 10.65 -12.61 -22.27
C TRP A 58 11.83 -11.89 -22.89
N THR A 59 11.52 -10.95 -23.79
CA THR A 59 12.52 -10.12 -24.43
CA THR A 59 12.54 -10.12 -24.40
C THR A 59 12.03 -8.68 -24.47
N VAL A 60 12.98 -7.76 -24.54
CA VAL A 60 12.71 -6.34 -24.75
C VAL A 60 13.53 -5.90 -25.95
N SER A 61 12.96 -5.03 -26.77
CA SER A 61 13.68 -4.56 -27.94
C SER A 61 14.80 -3.61 -27.52
N GLN A 62 15.76 -3.40 -28.44
CA GLN A 62 16.93 -2.59 -28.12
C GLN A 62 16.56 -1.14 -27.79
N ASP A 63 15.39 -0.67 -28.21
CA ASP A 63 14.93 0.67 -27.86
C ASP A 63 14.04 0.68 -26.62
N GLY A 64 13.78 -0.47 -26.01
CA GLY A 64 13.02 -0.52 -24.78
C GLY A 64 11.54 -0.26 -24.90
N LEU A 65 10.99 -0.24 -26.11
CA LEU A 65 9.58 0.06 -26.30
C LEU A 65 8.70 -1.18 -26.45
N THR A 66 9.28 -2.32 -26.83
CA THR A 66 8.51 -3.52 -27.14
C THR A 66 8.91 -4.64 -26.19
N TYR A 67 7.94 -5.18 -25.46
CA TYR A 67 8.15 -6.30 -24.56
C TYR A 67 7.35 -7.49 -25.08
N THR A 68 8.04 -8.60 -25.34
CA THR A 68 7.42 -9.83 -25.81
C THR A 68 7.54 -10.89 -24.73
N TYR A 69 6.45 -11.60 -24.45
CA TYR A 69 6.42 -12.61 -23.40
C TYR A 69 6.01 -13.96 -23.99
N LYS A 70 6.78 -14.99 -23.70
CA LYS A 70 6.47 -16.35 -24.10
C LYS A 70 5.82 -17.06 -22.91
N LEU A 71 4.60 -17.56 -23.11
CA LEU A 71 3.86 -18.21 -22.03
C LEU A 71 4.10 -19.73 -22.06
N ARG A 72 4.32 -20.29 -20.88
CA ARG A 72 4.27 -21.74 -20.74
C ARG A 72 2.87 -22.24 -21.06
N LYS A 73 2.76 -23.49 -21.51
CA LYS A 73 1.46 -24.03 -21.90
C LYS A 73 0.97 -25.14 -20.97
N ASP A 74 1.63 -25.36 -19.84
CA ASP A 74 1.04 -26.17 -18.79
C ASP A 74 0.23 -25.33 -17.81
N ALA A 75 -0.16 -24.13 -18.22
CA ALA A 75 -0.91 -23.19 -17.39
C ALA A 75 -2.36 -23.14 -17.83
N LYS A 76 -3.27 -23.29 -16.89
CA LYS A 76 -4.70 -23.38 -17.19
C LYS A 76 -5.49 -22.54 -16.19
N TRP A 77 -6.70 -22.17 -16.61
CA TRP A 77 -7.69 -21.58 -15.73
C TRP A 77 -8.52 -22.68 -15.08
N PHE A 78 -8.89 -22.47 -13.82
CA PHE A 78 -9.73 -23.41 -13.09
C PHE A 78 -10.89 -22.67 -12.45
N THR A 79 -12.02 -23.37 -12.30
CA THR A 79 -13.12 -22.84 -11.51
C THR A 79 -12.75 -22.86 -10.04
N SER A 80 -13.63 -22.30 -9.21
CA SER A 80 -13.38 -22.24 -7.78
C SER A 80 -13.28 -23.64 -7.16
N GLU A 81 -13.91 -24.63 -7.77
CA GLU A 81 -13.85 -26.00 -7.27
C GLU A 81 -12.71 -26.80 -7.88
N GLY A 82 -11.81 -26.16 -8.61
CA GLY A 82 -10.65 -26.85 -9.15
C GLY A 82 -10.85 -27.56 -10.46
N GLU A 83 -12.01 -27.39 -11.11
CA GLU A 83 -12.24 -28.01 -12.40
C GLU A 83 -11.62 -27.17 -13.51
N GLU A 84 -10.96 -27.85 -14.45
CA GLU A 84 -10.29 -27.17 -15.54
C GLU A 84 -11.31 -26.49 -16.45
N TYR A 85 -11.06 -25.21 -16.77
CA TYR A 85 -11.97 -24.42 -17.58
C TYR A 85 -11.43 -24.17 -18.99
N ALA A 86 -10.19 -23.71 -19.11
CA ALA A 86 -9.59 -23.36 -20.39
C ALA A 86 -8.09 -23.15 -20.16
N PRO A 87 -7.28 -23.29 -21.20
CA PRO A 87 -5.86 -22.98 -21.05
C PRO A 87 -5.64 -21.47 -21.02
N VAL A 88 -4.60 -21.05 -20.30
CA VAL A 88 -4.19 -19.65 -20.32
C VAL A 88 -3.58 -19.34 -21.68
N THR A 89 -4.01 -18.24 -22.29
CA THR A 89 -3.54 -17.88 -23.63
C THR A 89 -3.18 -16.40 -23.66
N ALA A 90 -2.44 -16.03 -24.71
CA ALA A 90 -2.01 -14.64 -24.87
C ALA A 90 -3.19 -13.69 -24.99
N GLN A 91 -4.29 -14.16 -25.60
CA GLN A 91 -5.47 -13.30 -25.75
C GLN A 91 -6.02 -12.87 -24.39
N ASP A 92 -5.78 -13.65 -23.34
CA ASP A 92 -6.28 -13.29 -22.01
C ASP A 92 -5.69 -11.99 -21.52
N PHE A 93 -4.47 -11.66 -21.94
CA PHE A 93 -3.87 -10.39 -21.55
C PHE A 93 -4.39 -9.23 -22.40
N VAL A 94 -4.73 -9.49 -23.66
CA VAL A 94 -5.48 -8.51 -24.45
C VAL A 94 -6.84 -8.25 -23.79
N THR A 95 -7.52 -9.32 -23.39
CA THR A 95 -8.82 -9.18 -22.74
C THR A 95 -8.71 -8.41 -21.42
N GLY A 96 -7.69 -8.74 -20.62
CA GLY A 96 -7.54 -8.07 -19.33
C GLY A 96 -7.39 -6.57 -19.47
N LEU A 97 -6.48 -6.13 -20.34
CA LEU A 97 -6.22 -4.71 -20.47
C LEU A 97 -7.40 -3.97 -21.08
N GLN A 98 -8.07 -4.58 -22.06
CA GLN A 98 -9.25 -3.92 -22.63
C GLN A 98 -10.36 -3.82 -21.60
N TYR A 99 -10.51 -4.84 -20.75
CA TYR A 99 -11.56 -4.80 -19.74
C TYR A 99 -11.30 -3.69 -18.73
N ALA A 100 -10.08 -3.63 -18.20
CA ALA A 100 -9.73 -2.58 -17.25
C ALA A 100 -9.93 -1.19 -17.86
N ALA A 101 -9.61 -1.05 -19.14
CA ALA A 101 -9.85 0.22 -19.80
C ALA A 101 -11.34 0.50 -19.94
N ASP A 102 -12.11 -0.50 -20.37
CA ASP A 102 -13.53 -0.31 -20.62
C ASP A 102 -14.30 0.00 -19.35
N LYS A 103 -13.89 -0.56 -18.21
CA LYS A 103 -14.59 -0.36 -16.97
C LYS A 103 -13.98 0.74 -16.11
N LYS A 104 -13.07 1.53 -16.68
CA LYS A 104 -12.44 2.66 -15.99
C LYS A 104 -11.88 2.24 -14.66
N SER A 105 -10.95 1.28 -14.72
CA SER A 105 -10.36 0.73 -13.50
C SER A 105 -9.69 1.82 -12.68
N GLU A 106 -9.80 1.68 -11.36
CA GLU A 106 -9.18 2.63 -10.44
C GLU A 106 -7.66 2.53 -10.42
N ALA A 107 -7.07 1.57 -11.11
CA ALA A 107 -5.62 1.46 -11.22
C ALA A 107 -5.12 1.73 -12.64
N LEU A 108 -5.91 2.46 -13.44
CA LEU A 108 -5.51 2.73 -14.81
C LEU A 108 -4.26 3.60 -14.91
N TYR A 109 -3.96 4.41 -13.88
CA TYR A 109 -2.72 5.19 -13.89
C TYR A 109 -1.49 4.33 -14.07
N LEU A 110 -1.58 3.05 -13.73
CA LEU A 110 -0.45 2.15 -13.92
C LEU A 110 -0.10 1.97 -15.41
N VAL A 111 -1.09 2.07 -16.31
CA VAL A 111 -0.85 1.70 -17.70
C VAL A 111 -1.31 2.76 -18.70
N GLN A 112 -2.11 3.72 -18.23
CA GLN A 112 -2.74 4.65 -19.16
C GLN A 112 -1.71 5.46 -19.94
N ASP A 113 -0.69 5.96 -19.25
CA ASP A 113 0.36 6.74 -19.89
C ASP A 113 1.58 5.90 -20.26
N SER A 114 1.44 4.58 -20.27
CA SER A 114 2.56 3.69 -20.58
C SER A 114 2.33 2.87 -21.84
N VAL A 115 1.15 2.27 -21.99
CA VAL A 115 0.87 1.43 -23.13
C VAL A 115 0.49 2.31 -24.31
N ALA A 116 1.15 2.08 -25.45
CA ALA A 116 0.94 2.92 -26.62
C ALA A 116 -0.51 2.90 -27.07
N GLY A 117 -1.08 4.09 -27.26
CA GLY A 117 -2.44 4.23 -27.72
C GLY A 117 -3.52 3.95 -26.69
N LEU A 118 -3.15 3.60 -25.45
CA LEU A 118 -4.16 3.29 -24.44
C LEU A 118 -4.87 4.55 -23.96
N ASP A 119 -4.11 5.63 -23.72
CA ASP A 119 -4.74 6.89 -23.32
C ASP A 119 -5.74 7.36 -24.38
N ASP A 120 -5.37 7.27 -25.66
CA ASP A 120 -6.29 7.63 -26.73
C ASP A 120 -7.56 6.78 -26.67
N TYR A 121 -7.43 5.49 -26.34
CA TYR A 121 -8.58 4.61 -26.30
C TYR A 121 -9.48 4.92 -25.11
N ILE A 122 -8.88 5.20 -23.95
CA ILE A 122 -9.67 5.42 -22.75
C ILE A 122 -10.49 6.70 -22.86
N THR A 123 -9.88 7.76 -23.40
CA THR A 123 -10.53 9.07 -23.48
C THR A 123 -11.42 9.22 -24.70
N GLY A 124 -11.63 8.16 -25.47
CA GLY A 124 -12.50 8.23 -26.62
C GLY A 124 -11.90 8.88 -27.86
N LYS A 125 -10.64 9.30 -27.81
CA LYS A 125 -9.98 9.80 -29.01
C LYS A 125 -9.84 8.71 -30.06
N THR A 126 -9.88 7.44 -29.65
CA THR A 126 -9.96 6.32 -30.56
C THR A 126 -11.05 5.37 -30.07
N SER A 127 -11.51 4.52 -30.98
CA SER A 127 -12.53 3.55 -30.67
C SER A 127 -12.07 2.12 -30.89
N ASP A 128 -10.89 1.93 -31.48
CA ASP A 128 -10.41 0.63 -31.93
C ASP A 128 -9.31 0.17 -30.99
N PHE A 129 -9.58 -0.89 -30.23
CA PHE A 129 -8.55 -1.42 -29.34
C PHE A 129 -7.38 -2.02 -30.10
N SER A 130 -7.53 -2.24 -31.42
CA SER A 130 -6.41 -2.74 -32.21
C SER A 130 -5.26 -1.77 -32.31
N THR A 131 -5.48 -0.50 -31.97
CA THR A 131 -4.42 0.50 -31.93
C THR A 131 -3.77 0.60 -30.57
N VAL A 132 -4.16 -0.23 -29.62
CA VAL A 132 -3.58 -0.19 -28.28
C VAL A 132 -2.45 -1.23 -28.20
N GLY A 133 -1.36 -0.84 -27.55
CA GLY A 133 -0.15 -1.63 -27.55
C GLY A 133 -0.16 -2.89 -26.72
N VAL A 134 -1.17 -3.74 -26.89
CA VAL A 134 -1.14 -5.11 -26.38
C VAL A 134 -1.66 -6.03 -27.48
N LYS A 135 -0.87 -7.05 -27.81
CA LYS A 135 -1.18 -7.92 -28.93
C LYS A 135 -0.89 -9.37 -28.58
N ALA A 136 -1.76 -10.26 -29.04
CA ALA A 136 -1.56 -11.70 -28.93
C ALA A 136 -1.05 -12.19 -30.28
N LEU A 137 0.29 -12.24 -30.43
CA LEU A 137 0.88 -12.67 -31.68
C LEU A 137 0.48 -14.09 -32.05
N ASP A 138 0.49 -14.99 -31.05
CA ASP A 138 -0.13 -16.29 -31.17
C ASP A 138 -0.62 -16.66 -29.77
N ASP A 139 -0.95 -17.94 -29.57
CA ASP A 139 -1.57 -18.33 -28.31
C ASP A 139 -0.62 -18.23 -27.13
N GLN A 140 0.69 -18.34 -27.38
CA GLN A 140 1.69 -18.32 -26.31
C GLN A 140 2.49 -17.04 -26.25
N THR A 141 2.17 -16.03 -27.06
CA THR A 141 3.04 -14.87 -27.24
C THR A 141 2.25 -13.58 -27.04
N VAL A 142 2.60 -12.82 -26.01
CA VAL A 142 2.02 -11.51 -25.73
C VAL A 142 3.08 -10.45 -25.99
N GLN A 143 2.66 -9.33 -26.59
CA GLN A 143 3.58 -8.26 -26.91
C GLN A 143 2.98 -6.92 -26.51
N TYR A 144 3.70 -6.17 -25.68
CA TYR A 144 3.30 -4.83 -25.26
C TYR A 144 4.18 -3.79 -25.95
N THR A 145 3.58 -2.71 -26.42
CA THR A 145 4.29 -1.59 -27.00
C THR A 145 4.08 -0.37 -26.12
N LEU A 146 5.17 0.22 -25.65
CA LEU A 146 5.11 1.34 -24.72
C LEU A 146 5.29 2.68 -25.41
N VAL A 147 4.83 3.73 -24.74
CA VAL A 147 5.04 5.09 -25.25
C VAL A 147 6.53 5.45 -25.17
N LYS A 148 7.14 5.22 -24.02
CA LYS A 148 8.54 5.53 -23.77
C LYS A 148 9.15 4.38 -23.00
N PRO A 149 10.49 4.26 -22.98
CA PRO A 149 11.10 3.16 -22.23
C PRO A 149 10.83 3.29 -20.74
N GLU A 150 10.62 2.14 -20.10
CA GLU A 150 10.36 2.07 -18.67
C GLU A 150 11.15 0.90 -18.10
N LEU A 151 12.23 1.19 -17.37
CA LEU A 151 13.00 0.11 -16.76
C LEU A 151 12.19 -0.62 -15.71
N TYR A 152 11.20 0.05 -15.12
CA TYR A 152 10.31 -0.54 -14.13
C TYR A 152 9.10 -1.23 -14.74
N TRP A 153 9.08 -1.39 -16.07
CA TRP A 153 7.90 -1.98 -16.70
C TRP A 153 7.64 -3.41 -16.22
N ASN A 154 8.67 -4.25 -16.27
CA ASN A 154 8.49 -5.64 -15.84
C ASN A 154 8.00 -5.72 -14.40
N SER A 155 8.40 -4.76 -13.56
CA SER A 155 7.87 -4.73 -12.20
C SER A 155 6.38 -4.42 -12.18
N LYS A 156 5.87 -3.74 -13.21
CA LYS A 156 4.44 -3.44 -13.27
C LYS A 156 3.61 -4.70 -13.49
N THR A 157 4.18 -5.72 -14.12
CA THR A 157 3.41 -6.94 -14.37
C THR A 157 3.09 -7.70 -13.09
N LEU A 158 3.69 -7.30 -11.97
CA LEU A 158 3.35 -7.86 -10.67
C LEU A 158 2.14 -7.19 -10.04
N ALA A 159 1.59 -6.16 -10.67
CA ALA A 159 0.35 -5.55 -10.26
C ALA A 159 -0.83 -6.16 -11.01
N THR A 160 -1.98 -6.25 -10.34
CA THR A 160 -3.08 -7.07 -10.83
C THR A 160 -3.75 -6.51 -12.08
N ILE A 161 -3.62 -5.20 -12.36
CA ILE A 161 -4.25 -4.67 -13.57
C ILE A 161 -3.62 -5.25 -14.83
N LEU A 162 -2.43 -5.82 -14.73
CA LEU A 162 -1.79 -6.50 -15.86
C LEU A 162 -1.97 -8.01 -15.80
N PHE A 163 -2.94 -8.50 -15.00
CA PHE A 163 -3.22 -9.93 -14.91
C PHE A 163 -4.18 -10.36 -16.01
N PRO A 164 -4.13 -11.61 -16.44
CA PRO A 164 -4.98 -12.05 -17.54
C PRO A 164 -6.40 -12.37 -17.07
N VAL A 165 -7.31 -12.43 -18.03
CA VAL A 165 -8.70 -12.82 -17.77
C VAL A 165 -9.25 -13.48 -19.03
N ASN A 166 -10.12 -14.46 -18.83
CA ASN A 166 -10.64 -15.27 -19.92
C ASN A 166 -11.89 -14.61 -20.49
N ALA A 167 -11.85 -14.27 -21.78
CA ALA A 167 -12.93 -13.48 -22.39
C ALA A 167 -14.26 -14.24 -22.35
N ASP A 168 -14.23 -15.55 -22.58
CA ASP A 168 -15.47 -16.32 -22.57
C ASP A 168 -16.10 -16.35 -21.19
N PHE A 169 -15.28 -16.47 -20.14
CA PHE A 169 -15.79 -16.38 -18.77
C PHE A 169 -16.33 -14.99 -18.49
N LEU A 170 -15.62 -13.96 -18.97
CA LEU A 170 -16.12 -12.59 -18.84
C LEU A 170 -17.50 -12.46 -19.48
N LYS A 171 -17.64 -12.94 -20.72
CA LYS A 171 -18.93 -12.88 -21.40
C LYS A 171 -19.99 -13.66 -20.64
N SER A 172 -19.65 -14.87 -20.20
CA SER A 172 -20.63 -15.74 -19.57
C SER A 172 -21.09 -15.20 -18.21
N LYS A 173 -20.23 -14.46 -17.51
CA LYS A 173 -20.57 -13.99 -16.18
C LYS A 173 -21.21 -12.62 -16.16
N GLY A 174 -20.88 -11.77 -17.14
CA GLY A 174 -21.48 -10.45 -17.19
C GLY A 174 -21.15 -9.64 -15.95
N ASP A 175 -22.18 -8.98 -15.41
CA ASP A 175 -21.99 -8.13 -14.25
C ASP A 175 -21.73 -8.91 -12.97
N ASP A 176 -21.83 -10.23 -13.00
CA ASP A 176 -21.49 -11.05 -11.85
C ASP A 176 -19.98 -11.26 -11.70
N PHE A 177 -19.19 -10.94 -12.72
CA PHE A 177 -17.75 -11.16 -12.64
C PHE A 177 -17.13 -10.29 -11.55
N GLY A 178 -16.23 -10.89 -10.78
CA GLY A 178 -15.47 -10.15 -9.79
C GLY A 178 -16.21 -9.77 -8.54
N LYS A 179 -17.44 -10.22 -8.36
CA LYS A 179 -18.13 -9.99 -7.09
C LYS A 179 -17.46 -10.78 -5.97
N ALA A 180 -17.82 -10.47 -4.74
CA ALA A 180 -17.19 -11.08 -3.57
C ALA A 180 -17.79 -12.46 -3.31
N ASP A 181 -17.47 -13.39 -4.21
CA ASP A 181 -17.95 -14.76 -4.20
C ASP A 181 -16.84 -15.55 -4.88
N PRO A 182 -16.39 -16.67 -4.29
CA PRO A 182 -15.30 -17.43 -4.92
C PRO A 182 -15.57 -17.83 -6.36
N SER A 183 -16.85 -18.03 -6.72
CA SER A 183 -17.21 -18.45 -8.07
C SER A 183 -17.23 -17.31 -9.08
N SER A 184 -16.97 -16.08 -8.65
CA SER A 184 -17.06 -14.92 -9.53
C SER A 184 -15.86 -14.73 -10.43
N ILE A 185 -14.78 -15.51 -10.24
CA ILE A 185 -13.57 -15.38 -11.04
C ILE A 185 -13.03 -16.77 -11.35
N LEU A 186 -12.17 -16.82 -12.36
CA LEU A 186 -11.41 -18.03 -12.66
C LEU A 186 -10.04 -17.96 -11.99
N TYR A 187 -9.44 -19.14 -11.80
CA TYR A 187 -8.23 -19.29 -11.00
C TYR A 187 -7.11 -19.88 -11.85
N ASN A 188 -5.92 -19.27 -11.78
CA ASN A 188 -4.73 -19.90 -12.34
C ASN A 188 -3.52 -19.74 -11.43
N GLY A 189 -3.70 -19.26 -10.20
CA GLY A 189 -2.61 -19.04 -9.29
C GLY A 189 -2.38 -20.25 -8.39
N PRO A 190 -1.66 -20.04 -7.29
CA PRO A 190 -1.28 -21.19 -6.44
C PRO A 190 -2.43 -21.81 -5.67
N PHE A 191 -3.50 -21.05 -5.39
CA PHE A 191 -4.54 -21.55 -4.51
C PHE A 191 -5.91 -21.40 -5.17
N LEU A 192 -6.85 -22.18 -4.68
CA LEU A 192 -8.26 -21.97 -4.87
C LEU A 192 -8.86 -21.38 -3.60
N MET A 193 -9.85 -20.52 -3.75
CA MET A 193 -10.53 -19.96 -2.60
C MET A 193 -11.72 -20.84 -2.25
N LYS A 194 -11.69 -21.45 -1.07
CA LYS A 194 -12.77 -22.35 -0.67
C LYS A 194 -13.85 -21.67 0.15
N ALA A 195 -13.51 -20.65 0.94
CA ALA A 195 -14.50 -19.95 1.75
C ALA A 195 -14.15 -18.47 1.80
N LEU A 196 -15.16 -17.63 1.61
CA LEU A 196 -15.04 -16.17 1.72
C LEU A 196 -16.32 -15.71 2.41
N VAL A 197 -16.26 -15.59 3.75
CA VAL A 197 -17.44 -15.30 4.55
C VAL A 197 -17.18 -14.00 5.31
N SER A 198 -18.04 -13.01 5.08
CA SER A 198 -17.84 -11.66 5.60
C SER A 198 -17.69 -11.68 7.12
N LYS A 199 -16.63 -11.02 7.60
CA LYS A 199 -16.33 -10.87 9.02
C LYS A 199 -16.19 -12.21 9.74
N SER A 200 -15.99 -13.30 9.00
CA SER A 200 -15.74 -14.60 9.62
C SER A 200 -14.40 -15.20 9.22
N ALA A 201 -14.14 -15.39 7.92
CA ALA A 201 -12.97 -16.15 7.51
C ALA A 201 -12.70 -16.01 6.02
N ILE A 202 -11.44 -16.20 5.65
CA ILE A 202 -11.01 -16.40 4.27
C ILE A 202 -10.17 -17.67 4.25
N GLU A 203 -10.46 -18.57 3.31
CA GLU A 203 -9.82 -19.88 3.32
C GLU A 203 -9.34 -20.25 1.93
N TYR A 204 -8.08 -20.67 1.84
CA TYR A 204 -7.45 -21.11 0.60
C TYR A 204 -7.16 -22.60 0.65
N LYS A 205 -7.28 -23.25 -0.50
CA LYS A 205 -6.86 -24.63 -0.69
C LYS A 205 -5.85 -24.68 -1.82
N LYS A 206 -4.76 -25.41 -1.61
CA LYS A 206 -3.74 -25.54 -2.65
C LYS A 206 -4.34 -26.17 -3.90
N ASN A 207 -4.11 -25.55 -5.04
CA ASN A 207 -4.55 -26.09 -6.31
C ASN A 207 -3.53 -27.11 -6.79
N PRO A 208 -3.86 -28.41 -6.73
CA PRO A 208 -2.85 -29.43 -7.05
C PRO A 208 -2.45 -29.44 -8.52
N ASN A 209 -3.26 -28.87 -9.41
CA ASN A 209 -2.96 -28.81 -10.83
C ASN A 209 -2.39 -27.45 -11.24
N TYR A 210 -2.07 -26.60 -10.27
CA TYR A 210 -1.33 -25.37 -10.56
C TYR A 210 -0.02 -25.70 -11.26
N TRP A 211 0.36 -24.87 -12.23
CA TRP A 211 1.54 -25.16 -13.03
C TRP A 211 2.81 -25.21 -12.17
N ASP A 212 2.82 -24.50 -11.05
CA ASP A 212 3.97 -24.49 -10.13
C ASP A 212 3.59 -25.05 -8.77
N ALA A 213 2.76 -26.10 -8.76
CA ALA A 213 2.33 -26.70 -7.50
C ALA A 213 3.51 -27.21 -6.68
N LYS A 214 4.60 -27.58 -7.34
CA LYS A 214 5.79 -28.08 -6.64
C LYS A 214 6.41 -27.04 -5.71
N ASN A 215 5.96 -25.79 -5.78
CA ASN A 215 6.48 -24.72 -4.94
C ASN A 215 5.44 -24.18 -3.96
N VAL A 216 4.38 -24.94 -3.72
CA VAL A 216 3.34 -24.60 -2.74
C VAL A 216 3.44 -25.63 -1.62
N PHE A 217 3.75 -25.17 -0.41
CA PHE A 217 4.12 -26.06 0.69
C PHE A 217 3.09 -26.08 1.81
N VAL A 218 2.02 -25.31 1.71
CA VAL A 218 0.87 -25.42 2.59
C VAL A 218 -0.31 -25.86 1.75
N ASP A 219 -1.08 -26.83 2.24
CA ASP A 219 -2.25 -27.29 1.52
C ASP A 219 -3.51 -26.51 1.89
N ASP A 220 -3.52 -25.89 3.07
CA ASP A 220 -4.66 -25.11 3.55
C ASP A 220 -4.15 -23.81 4.16
N VAL A 221 -4.90 -22.74 3.96
CA VAL A 221 -4.65 -21.46 4.60
C VAL A 221 -5.98 -20.95 5.14
N LYS A 222 -6.09 -20.81 6.45
CA LYS A 222 -7.28 -20.23 7.07
C LYS A 222 -6.91 -18.91 7.73
N LEU A 223 -7.66 -17.86 7.37
CA LEU A 223 -7.53 -16.55 8.01
C LEU A 223 -8.84 -16.26 8.74
N THR A 224 -8.74 -16.02 10.05
CA THR A 224 -9.88 -15.74 10.89
C THR A 224 -10.07 -14.24 11.02
N TYR A 225 -11.31 -13.79 11.06
CA TYR A 225 -11.57 -12.36 11.17
C TYR A 225 -11.13 -11.83 12.52
N TYR A 226 -10.50 -10.67 12.52
CA TYR A 226 -9.91 -10.08 13.73
C TYR A 226 -10.26 -8.60 13.74
N ASP A 227 -11.08 -8.17 14.71
CA ASP A 227 -11.61 -6.82 14.74
C ASP A 227 -10.90 -5.90 15.72
N GLY A 228 -9.85 -6.38 16.39
CA GLY A 228 -9.07 -5.56 17.28
C GLY A 228 -9.49 -5.58 18.74
N SER A 229 -10.63 -6.17 19.07
CA SER A 229 -11.15 -6.12 20.43
C SER A 229 -10.45 -7.06 21.39
N ASP A 230 -9.79 -8.11 20.89
CA ASP A 230 -9.06 -9.07 21.72
C ASP A 230 -7.66 -9.21 21.14
N GLN A 231 -6.75 -8.32 21.54
CA GLN A 231 -5.40 -8.35 21.00
C GLN A 231 -4.61 -9.54 21.54
N GLU A 232 -4.94 -10.02 22.74
CA GLU A 232 -4.30 -11.22 23.26
C GLU A 232 -4.71 -12.48 22.53
N SER A 233 -5.68 -12.39 21.63
CA SER A 233 -6.13 -13.55 20.87
C SER A 233 -5.01 -14.13 20.01
N LEU A 234 -4.12 -13.29 19.48
CA LEU A 234 -3.10 -13.78 18.56
C LEU A 234 -2.07 -14.64 19.27
N GLU A 235 -1.54 -14.16 20.40
CA GLU A 235 -0.58 -14.96 21.15
C GLU A 235 -1.26 -16.18 21.77
N ARG A 236 -2.47 -15.99 22.31
CA ARG A 236 -3.17 -17.09 22.97
C ARG A 236 -3.38 -18.26 22.02
N ASN A 237 -3.72 -17.96 20.77
CA ASN A 237 -3.94 -18.99 19.77
C ASN A 237 -2.63 -19.58 19.25
N PHE A 238 -1.59 -18.78 19.14
CA PHE A 238 -0.28 -19.31 18.77
C PHE A 238 0.19 -20.32 19.80
N THR A 239 0.12 -19.94 21.08
CA THR A 239 0.57 -20.82 22.15
C THR A 239 -0.24 -22.10 22.20
N ALA A 240 -1.53 -22.03 21.89
CA ALA A 240 -2.38 -23.20 21.86
C ALA A 240 -2.16 -24.06 20.63
N GLY A 241 -1.28 -23.66 19.72
CA GLY A 241 -1.03 -24.40 18.50
C GLY A 241 -2.01 -24.15 17.38
N ALA A 242 -2.82 -23.10 17.47
CA ALA A 242 -3.84 -22.83 16.48
C ALA A 242 -3.41 -21.85 15.40
N TYR A 243 -2.58 -20.85 15.73
CA TYR A 243 -2.06 -19.92 14.75
C TYR A 243 -0.60 -20.26 14.42
N THR A 244 -0.24 -20.12 13.14
CA THR A 244 1.13 -20.33 12.71
C THR A 244 2.04 -19.18 13.14
N THR A 245 1.46 -18.03 13.48
CA THR A 245 2.23 -16.87 13.89
C THR A 245 1.37 -16.00 14.79
N ALA A 246 2.00 -15.00 15.39
CA ALA A 246 1.29 -14.11 16.29
C ALA A 246 2.09 -12.83 16.46
N ARG A 247 1.45 -11.69 16.21
CA ARG A 247 2.05 -10.40 16.50
CA ARG A 247 2.06 -10.40 16.50
C ARG A 247 1.85 -10.08 17.97
N LEU A 248 2.90 -9.60 18.62
CA LEU A 248 2.87 -9.33 20.04
C LEU A 248 2.64 -7.84 20.30
N PHE A 249 2.06 -7.55 21.46
CA PHE A 249 1.72 -6.18 21.85
C PHE A 249 2.42 -5.88 23.17
N PRO A 250 3.59 -5.24 23.13
CA PRO A 250 4.31 -4.94 24.39
C PRO A 250 3.52 -4.13 25.39
N ASN A 251 2.58 -3.28 24.93
CA ASN A 251 1.76 -2.50 25.85
C ASN A 251 0.74 -3.35 26.61
N SER A 252 0.60 -4.63 26.27
CA SER A 252 -0.50 -5.42 26.79
C SER A 252 -0.30 -5.79 28.25
N SER A 253 -1.41 -6.14 28.89
CA SER A 253 -1.35 -6.77 30.21
C SER A 253 -0.42 -7.99 30.20
N SER A 254 -0.58 -8.84 29.19
CA SER A 254 0.07 -10.15 29.20
C SER A 254 1.57 -10.10 28.94
N TYR A 255 2.09 -9.01 28.39
CA TYR A 255 3.43 -9.04 27.80
C TYR A 255 4.51 -9.42 28.80
N GLU A 256 4.33 -9.08 30.08
CA GLU A 256 5.32 -9.44 31.08
C GLU A 256 5.52 -10.94 31.15
N GLY A 257 4.44 -11.69 31.30
CA GLY A 257 4.55 -13.15 31.26
C GLY A 257 5.00 -13.66 29.91
N ILE A 258 4.43 -13.10 28.83
CA ILE A 258 4.80 -13.53 27.48
C ILE A 258 6.29 -13.28 27.23
N LYS A 259 6.79 -12.12 27.66
CA LYS A 259 8.19 -11.79 27.45
C LYS A 259 9.11 -12.84 28.06
N GLU A 260 8.83 -13.24 29.30
CA GLU A 260 9.67 -14.25 29.94
C GLU A 260 9.46 -15.63 29.32
N LYS A 261 8.21 -15.98 29.03
CA LYS A 261 7.92 -17.31 28.48
C LYS A 261 8.58 -17.51 27.11
N TYR A 262 8.66 -16.46 26.31
CA TYR A 262 9.20 -16.54 24.95
C TYR A 262 10.40 -15.63 24.77
N LYS A 263 11.23 -15.49 25.81
CA LYS A 263 12.34 -14.54 25.76
C LYS A 263 13.34 -14.87 24.65
N ASN A 264 13.40 -16.12 24.20
CA ASN A 264 14.32 -16.52 23.15
C ASN A 264 13.64 -16.67 21.80
N ASN A 265 12.38 -16.26 21.68
CA ASN A 265 11.62 -16.48 20.46
C ASN A 265 11.03 -15.21 19.84
N ILE A 266 11.13 -14.07 20.50
CA ILE A 266 10.54 -12.84 19.98
C ILE A 266 11.35 -12.36 18.78
N ILE A 267 10.70 -12.22 17.63
CA ILE A 267 11.34 -11.85 16.38
C ILE A 267 10.78 -10.51 15.92
N TYR A 268 11.67 -9.61 15.51
CA TYR A 268 11.32 -8.29 15.03
C TYR A 268 11.53 -8.25 13.51
N SER A 269 10.49 -7.89 12.77
CA SER A 269 10.58 -7.76 11.33
C SER A 269 11.26 -6.44 10.96
N MET A 270 11.69 -6.36 9.71
CA MET A 270 12.22 -5.12 9.16
C MET A 270 11.08 -4.25 8.63
N GLN A 271 11.26 -2.93 8.72
CA GLN A 271 10.31 -2.03 8.09
C GLN A 271 10.32 -2.26 6.58
N ASN A 272 9.14 -2.30 5.98
CA ASN A 272 9.02 -2.57 4.55
C ASN A 272 8.58 -1.30 3.83
N SER A 273 8.29 -1.45 2.53
CA SER A 273 8.07 -0.32 1.63
C SER A 273 6.66 0.25 1.71
N THR A 274 5.80 -0.24 2.60
CA THR A 274 4.48 0.36 2.78
C THR A 274 4.59 1.56 3.69
N SER A 275 4.05 2.69 3.24
CA SER A 275 4.19 3.96 3.96
C SER A 275 2.80 4.44 4.38
N TYR A 276 2.64 4.69 5.66
CA TYR A 276 1.43 5.32 6.19
C TYR A 276 1.70 6.79 6.45
N PHE A 277 0.66 7.60 6.34
CA PHE A 277 0.76 9.04 6.59
C PHE A 277 -0.62 9.55 6.94
N PHE A 278 -0.66 10.67 7.64
CA PHE A 278 -1.92 11.37 7.88
C PHE A 278 -2.13 12.42 6.80
N ASN A 279 -3.41 12.65 6.48
CA ASN A 279 -3.78 13.73 5.58
C ASN A 279 -5.05 14.39 6.11
N PHE A 280 -5.32 15.59 5.59
CA PHE A 280 -6.53 16.32 5.91
C PHE A 280 -7.55 16.14 4.81
N ASN A 281 -8.82 16.29 5.16
CA ASN A 281 -9.91 16.37 4.20
C ASN A 281 -10.04 17.82 3.76
N LEU A 282 -9.61 18.12 2.53
CA LEU A 282 -9.56 19.49 2.06
C LEU A 282 -10.89 20.02 1.53
N ASP A 283 -11.88 19.16 1.31
CA ASP A 283 -13.17 19.57 0.76
C ASP A 283 -14.33 18.80 1.41
N ARG A 284 -14.34 18.73 2.75
CA ARG A 284 -15.29 17.86 3.45
C ARG A 284 -16.74 18.22 3.12
N LYS A 285 -17.54 17.19 2.84
CA LYS A 285 -18.96 17.36 2.53
C LYS A 285 -19.90 16.53 3.41
N SER A 286 -19.40 15.55 4.16
CA SER A 286 -20.23 14.68 4.98
CA SER A 286 -20.23 14.68 4.98
C SER A 286 -19.90 14.91 6.45
N TYR A 287 -20.94 15.19 7.24
CA TYR A 287 -20.78 15.45 8.67
C TYR A 287 -21.69 14.56 9.51
N ASN A 288 -21.77 13.27 9.15
CA ASN A 288 -22.52 12.34 10.00
C ASN A 288 -21.79 12.09 11.31
N TYR A 289 -20.46 12.18 11.31
CA TYR A 289 -19.64 11.87 12.49
C TYR A 289 -18.81 13.11 12.80
N THR A 290 -19.32 13.95 13.71
CA THR A 290 -18.62 15.17 14.09
C THR A 290 -19.06 15.56 15.49
N SER A 291 -18.20 16.35 16.14
CA SER A 291 -18.53 17.02 17.40
C SER A 291 -18.80 18.51 17.21
N LYS A 292 -18.60 19.03 16.00
CA LYS A 292 -18.95 20.40 15.71
C LYS A 292 -20.47 20.57 15.73
N THR A 293 -20.93 21.66 16.34
CA THR A 293 -22.36 21.90 16.51
C THR A 293 -22.85 23.12 15.74
N SER A 294 -21.97 23.83 15.06
CA SER A 294 -22.34 25.02 14.30
C SER A 294 -21.69 24.98 12.93
N ASP A 295 -22.17 25.84 12.04
CA ASP A 295 -21.59 25.96 10.72
C ASP A 295 -20.39 26.91 10.69
N ILE A 296 -20.27 27.80 11.68
CA ILE A 296 -19.05 28.58 11.77
C ILE A 296 -17.88 27.69 12.18
N GLU A 297 -18.13 26.67 13.00
CA GLU A 297 -17.09 25.71 13.34
C GLU A 297 -16.69 24.89 12.12
N LYS A 298 -17.67 24.38 11.39
CA LYS A 298 -17.40 23.57 10.20
C LYS A 298 -16.64 24.39 9.16
N LYS A 299 -17.07 25.62 8.91
CA LYS A 299 -16.38 26.45 7.92
C LYS A 299 -15.02 26.89 8.42
N SER A 300 -14.86 27.10 9.73
CA SER A 300 -13.55 27.45 10.27
C SER A 300 -12.55 26.31 10.07
N THR A 301 -13.01 25.07 10.23
CA THR A 301 -12.13 23.93 9.96
C THR A 301 -11.82 23.81 8.47
N GLN A 302 -12.83 23.99 7.61
CA GLN A 302 -12.59 23.96 6.17
C GLN A 302 -11.54 25.00 5.76
N GLU A 303 -11.42 26.09 6.52
CA GLU A 303 -10.43 27.10 6.23
C GLU A 303 -9.05 26.69 6.74
N ALA A 304 -9.00 26.18 7.98
CA ALA A 304 -7.71 25.92 8.62
C ALA A 304 -6.89 24.90 7.83
N VAL A 305 -7.54 23.87 7.30
CA VAL A 305 -6.79 22.80 6.62
C VAL A 305 -6.22 23.26 5.29
N LEU A 306 -6.70 24.38 4.74
CA LEU A 306 -6.12 24.92 3.51
C LEU A 306 -4.93 25.82 3.78
N ASN A 307 -4.66 26.16 5.04
CA ASN A 307 -3.56 27.03 5.42
C ASN A 307 -2.33 26.20 5.72
N LYS A 308 -1.22 26.50 5.05
CA LYS A 308 -0.01 25.67 5.21
C LYS A 308 0.58 25.80 6.60
N ASN A 309 0.60 27.02 7.16
CA ASN A 309 1.13 27.19 8.50
C ASN A 309 0.36 26.37 9.52
N PHE A 310 -0.96 26.22 9.31
CA PHE A 310 -1.76 25.39 10.19
C PHE A 310 -1.37 23.93 10.07
N ARG A 311 -1.19 23.45 8.84
CA ARG A 311 -0.82 22.05 8.63
C ARG A 311 0.58 21.75 9.16
N GLN A 312 1.48 22.74 9.10
CA GLN A 312 2.82 22.53 9.64
C GLN A 312 2.80 22.53 11.16
N ALA A 313 1.94 23.34 11.77
CA ALA A 313 1.80 23.34 13.22
C ALA A 313 1.35 21.97 13.71
N ILE A 314 0.35 21.39 13.06
CA ILE A 314 -0.07 20.03 13.39
C ILE A 314 1.08 19.06 13.18
N ASN A 315 1.81 19.22 12.08
CA ASN A 315 2.92 18.32 11.79
C ASN A 315 3.98 18.35 12.89
N PHE A 316 4.28 19.54 13.41
CA PHE A 316 5.30 19.67 14.44
C PHE A 316 4.78 19.36 15.84
N ALA A 317 3.47 19.39 16.04
CA ALA A 317 2.86 19.05 17.31
C ALA A 317 2.52 17.57 17.42
N PHE A 318 2.76 16.79 16.38
CA PHE A 318 2.40 15.37 16.33
C PHE A 318 3.60 14.55 16.79
N ASP A 319 3.53 14.00 18.01
CA ASP A 319 4.60 13.19 18.58
C ASP A 319 4.49 11.77 18.03
N ARG A 320 5.42 11.38 17.16
CA ARG A 320 5.41 10.06 16.55
C ARG A 320 5.86 8.98 17.52
N THR A 321 6.88 9.27 18.34
CA THR A 321 7.31 8.32 19.35
C THR A 321 6.16 7.95 20.28
N SER A 322 5.46 8.95 20.81
CA SER A 322 4.29 8.71 21.64
C SER A 322 3.26 7.87 20.90
N TYR A 323 3.08 8.15 19.60
CA TYR A 323 2.09 7.41 18.82
C TYR A 323 2.51 5.96 18.60
N GLY A 324 3.79 5.73 18.26
CA GLY A 324 4.25 4.38 18.06
C GLY A 324 4.27 3.54 19.33
N ALA A 325 4.44 4.19 20.48
CA ALA A 325 4.49 3.46 21.74
C ALA A 325 3.13 2.87 22.12
N GLN A 326 2.04 3.37 21.53
CA GLN A 326 0.73 2.81 21.85
C GLN A 326 0.59 1.38 21.36
N SER A 327 1.29 1.03 20.29
CA SER A 327 1.24 -0.31 19.71
C SER A 327 2.50 -1.12 19.90
N GLU A 328 3.66 -0.48 20.05
CA GLU A 328 4.93 -1.18 20.12
C GLU A 328 5.54 -1.17 21.50
N GLY A 329 4.88 -0.58 22.50
CA GLY A 329 5.52 -0.36 23.78
C GLY A 329 6.55 0.76 23.71
N LYS A 330 6.97 1.32 24.84
CA LYS A 330 7.91 2.43 24.78
C LYS A 330 9.33 1.99 24.37
N GLU A 331 9.65 0.69 24.43
CA GLU A 331 10.95 0.19 23.97
C GLU A 331 11.07 0.21 22.46
N GLY A 332 10.01 -0.19 21.78
CA GLY A 332 9.97 -0.30 20.36
C GLY A 332 9.17 0.79 19.66
N ALA A 333 8.93 1.91 20.37
CA ALA A 333 8.10 2.98 19.84
C ALA A 333 8.61 3.52 18.50
N THR A 334 9.92 3.62 18.34
CA THR A 334 10.50 4.21 17.14
C THR A 334 10.74 3.19 16.03
N LYS A 335 10.60 1.89 16.32
CA LYS A 335 10.93 0.86 15.35
C LYS A 335 10.05 0.88 14.12
N ILE A 336 8.94 1.62 14.14
CA ILE A 336 8.01 1.65 13.01
C ILE A 336 7.93 3.01 12.36
N LEU A 337 8.71 3.99 12.82
CA LEU A 337 8.56 5.34 12.32
C LEU A 337 9.04 5.45 10.88
N ARG A 338 8.19 6.02 10.03
CA ARG A 338 8.50 6.29 8.63
C ARG A 338 8.24 7.77 8.38
N ASN A 339 9.19 8.45 7.74
CA ASN A 339 9.19 9.90 7.69
C ASN A 339 9.06 10.48 6.30
N LEU A 340 8.86 9.64 5.28
CA LEU A 340 8.55 10.08 3.94
C LEU A 340 7.48 9.14 3.39
N VAL A 341 6.89 9.53 2.27
CA VAL A 341 6.03 8.59 1.55
C VAL A 341 6.88 7.58 0.80
N VAL A 342 7.83 8.07 0.00
CA VAL A 342 8.85 7.21 -0.61
C VAL A 342 9.81 6.80 0.50
N PRO A 343 10.01 5.50 0.75
CA PRO A 343 10.94 5.09 1.79
C PRO A 343 12.32 5.67 1.55
N PRO A 344 13.08 5.94 2.61
CA PRO A 344 14.37 6.64 2.43
C PRO A 344 15.35 5.90 1.55
N ASN A 345 15.34 4.57 1.58
CA ASN A 345 16.25 3.77 0.77
C ASN A 345 15.56 3.13 -0.42
N PHE A 346 14.40 3.65 -0.83
CA PHE A 346 13.65 3.03 -1.92
C PHE A 346 14.44 3.06 -3.22
N VAL A 347 15.17 4.16 -3.46
CA VAL A 347 16.12 4.23 -4.57
C VAL A 347 17.36 4.94 -4.07
N SER A 348 18.45 4.76 -4.81
CA SER A 348 19.71 5.43 -4.55
C SER A 348 20.06 6.33 -5.73
N ILE A 349 20.60 7.51 -5.43
CA ILE A 349 21.08 8.45 -6.43
C ILE A 349 22.52 8.79 -6.10
N LYS A 350 23.44 8.53 -7.03
CA LYS A 350 24.86 8.85 -6.91
C LYS A 350 25.53 8.13 -5.74
N GLY A 351 24.90 7.07 -5.21
CA GLY A 351 25.38 6.39 -4.04
C GLY A 351 24.72 6.83 -2.75
N LYS A 352 24.20 8.05 -2.71
CA LYS A 352 23.35 8.50 -1.61
C LYS A 352 21.91 8.14 -1.92
N ASP A 353 21.18 7.70 -0.90
CA ASP A 353 19.84 7.23 -1.17
C ASP A 353 18.83 8.37 -1.10
N PHE A 354 17.55 8.01 -1.28
CA PHE A 354 16.50 8.99 -1.54
C PHE A 354 16.34 9.97 -0.37
N GLY A 355 16.35 9.45 0.86
CA GLY A 355 16.08 10.31 2.01
C GLY A 355 17.10 11.42 2.18
N GLU A 356 18.36 11.13 1.86
CA GLU A 356 19.40 12.17 1.94
C GLU A 356 19.14 13.26 0.92
N VAL A 357 18.88 12.87 -0.34
CA VAL A 357 18.65 13.85 -1.39
C VAL A 357 17.44 14.72 -1.07
N VAL A 358 16.36 14.09 -0.59
CA VAL A 358 15.18 14.87 -0.20
C VAL A 358 15.53 15.84 0.92
N ALA A 359 16.33 15.39 1.90
CA ALA A 359 16.74 16.27 2.98
C ALA A 359 17.54 17.46 2.47
N SER A 360 18.25 17.29 1.35
CA SER A 360 18.97 18.41 0.75
C SER A 360 18.04 19.34 0.00
N LYS A 361 16.99 18.80 -0.63
CA LYS A 361 16.04 19.63 -1.34
C LYS A 361 15.20 20.49 -0.41
N MET A 362 15.09 20.11 0.87
CA MET A 362 14.34 20.89 1.85
C MET A 362 14.94 22.26 2.10
N VAL A 363 16.18 22.49 1.66
CA VAL A 363 16.88 23.74 1.89
C VAL A 363 16.17 24.92 1.23
N ASN A 364 15.30 24.67 0.24
CA ASN A 364 14.54 25.72 -0.43
C ASN A 364 13.11 25.82 0.05
N TYR A 365 12.84 25.42 1.29
CA TYR A 365 11.45 25.49 1.75
C TYR A 365 11.33 26.07 3.15
N GLY A 366 12.31 26.84 3.61
CA GLY A 366 12.13 27.68 4.77
C GLY A 366 13.12 27.37 5.89
N LYS A 367 12.90 28.03 7.02
CA LYS A 367 13.74 27.92 8.20
C LYS A 367 13.38 26.74 9.09
N GLU A 368 12.14 26.27 9.02
CA GLU A 368 11.64 25.22 9.89
C GLU A 368 12.03 23.81 9.44
N TRP A 369 12.86 23.69 8.40
CA TRP A 369 13.33 22.39 7.93
C TRP A 369 14.84 22.25 8.05
N GLN A 370 15.50 23.14 8.80
CA GLN A 370 16.96 23.20 8.76
C GLN A 370 17.58 21.93 9.33
N GLY A 371 18.39 21.27 8.51
CA GLY A 371 19.09 20.06 8.90
C GLY A 371 18.18 18.93 9.35
N ILE A 372 17.23 18.56 8.51
CA ILE A 372 16.27 17.52 8.84
C ILE A 372 16.82 16.17 8.41
N ASN A 373 16.46 15.13 9.16
CA ASN A 373 16.91 13.77 8.90
C ASN A 373 15.70 12.89 8.66
N PHE A 374 15.64 12.27 7.49
CA PHE A 374 14.46 11.49 7.10
C PHE A 374 14.64 10.00 7.28
N ALA A 375 15.67 9.58 8.01
CA ALA A 375 15.92 8.14 8.20
C ALA A 375 14.78 7.49 8.97
N ASP A 376 14.52 6.22 8.65
CA ASP A 376 13.56 5.42 9.40
C ASP A 376 13.99 5.32 10.86
N GLY A 377 13.01 5.03 11.72
CA GLY A 377 13.30 4.71 13.10
C GLY A 377 13.61 5.87 14.00
N GLN A 378 13.06 7.06 13.71
CA GLN A 378 13.28 8.24 14.53
C GLN A 378 12.26 9.29 14.11
N ASP A 379 12.01 10.25 15.02
CA ASP A 379 11.03 11.31 14.80
C ASP A 379 11.74 12.64 14.56
N PRO A 380 11.92 13.06 13.29
CA PRO A 380 12.50 14.38 13.02
C PRO A 380 11.50 15.51 13.02
N TYR A 381 10.21 15.22 13.19
CA TYR A 381 9.16 16.21 13.00
C TYR A 381 8.73 16.88 14.31
N TYR A 382 8.60 16.11 15.38
CA TYR A 382 8.10 16.64 16.64
C TYR A 382 9.01 17.73 17.19
N ASN A 383 8.45 18.92 17.37
CA ASN A 383 9.19 20.08 17.86
C ASN A 383 8.19 21.08 18.43
N PRO A 384 7.88 20.99 19.72
CA PRO A 384 6.79 21.83 20.28
C PRO A 384 6.92 23.32 20.02
N GLU A 385 8.09 23.90 20.26
CA GLU A 385 8.23 25.35 20.12
C GLU A 385 8.18 25.79 18.67
N LYS A 386 8.66 24.95 17.75
CA LYS A 386 8.45 25.22 16.33
C LYS A 386 6.99 25.15 15.96
N ALA A 387 6.25 24.20 16.56
CA ALA A 387 4.82 24.09 16.31
C ALA A 387 4.07 25.32 16.82
N LYS A 388 4.45 25.80 18.01
CA LYS A 388 3.81 26.98 18.56
C LYS A 388 4.05 28.21 17.70
N ALA A 389 5.22 28.32 17.07
CA ALA A 389 5.53 29.46 16.23
C ALA A 389 4.75 29.39 14.92
N LYS A 390 4.65 28.20 14.33
CA LYS A 390 3.87 28.05 13.11
C LYS A 390 2.40 28.33 13.35
N PHE A 391 1.86 27.88 14.48
CA PHE A 391 0.44 28.11 14.75
C PHE A 391 0.16 29.59 15.00
N ALA A 392 1.09 30.28 15.67
CA ALA A 392 0.90 31.71 15.91
C ALA A 392 0.70 32.46 14.61
N GLU A 393 1.48 32.12 13.58
CA GLU A 393 1.30 32.73 12.28
C GLU A 393 0.03 32.23 11.61
N ALA A 394 -0.29 30.94 11.78
CA ALA A 394 -1.52 30.41 11.20
C ALA A 394 -2.75 31.10 11.79
N LYS A 395 -2.73 31.35 13.11
CA LYS A 395 -3.87 31.98 13.76
C LYS A 395 -4.03 33.43 13.33
N LYS A 396 -2.91 34.17 13.22
CA LYS A 396 -3.01 35.56 12.73
C LYS A 396 -3.63 35.60 11.35
N GLU A 397 -3.22 34.69 10.46
CA GLU A 397 -3.76 34.71 9.10
C GLU A 397 -5.19 34.21 9.07
N LEU A 398 -5.53 33.20 9.88
CA LEU A 398 -6.87 32.64 9.81
C LEU A 398 -7.89 33.56 10.47
N GLU A 399 -7.51 34.20 11.59
CA GLU A 399 -8.44 35.08 12.27
C GLU A 399 -8.84 36.27 11.41
N ALA A 400 -7.92 36.75 10.57
CA ALA A 400 -8.26 37.84 9.66
C ALA A 400 -9.33 37.42 8.64
N LYS A 401 -9.48 36.13 8.40
CA LYS A 401 -10.52 35.60 7.51
C LYS A 401 -11.84 35.37 8.21
N GLY A 402 -11.93 35.61 9.52
CA GLY A 402 -13.12 35.30 10.29
C GLY A 402 -13.13 33.95 10.94
N VAL A 403 -12.01 33.22 10.89
CA VAL A 403 -11.96 31.85 11.42
C VAL A 403 -12.08 31.88 12.93
N GLN A 404 -12.92 31.01 13.46
CA GLN A 404 -13.14 30.89 14.90
C GLN A 404 -12.27 29.78 15.47
N PHE A 405 -11.68 30.02 16.63
CA PHE A 405 -10.87 29.02 17.30
C PHE A 405 -11.52 28.59 18.61
N PRO A 406 -11.30 27.34 19.06
CA PRO A 406 -10.42 26.31 18.53
C PRO A 406 -10.86 25.66 17.22
N ILE A 407 -9.88 25.18 16.45
CA ILE A 407 -10.15 24.39 15.25
C ILE A 407 -10.43 22.96 15.66
N HIS A 408 -11.64 22.48 15.36
CA HIS A 408 -12.03 21.10 15.64
C HIS A 408 -11.70 20.22 14.43
N LEU A 409 -11.03 19.10 14.69
CA LEU A 409 -10.65 18.16 13.64
C LEU A 409 -11.19 16.78 14.00
N ASP A 410 -11.94 16.19 13.07
CA ASP A 410 -12.57 14.89 13.29
C ASP A 410 -11.64 13.78 12.81
N LYS A 411 -11.39 12.82 13.70
CA LYS A 411 -10.64 11.60 13.37
C LYS A 411 -11.49 10.40 13.77
N THR A 412 -11.67 9.47 12.84
CA THR A 412 -12.48 8.30 13.09
C THR A 412 -11.62 7.13 13.58
N VAL A 413 -12.28 6.19 14.27
CA VAL A 413 -11.62 4.96 14.72
C VAL A 413 -12.71 3.93 14.98
N GLU A 414 -12.38 2.67 14.73
CA GLU A 414 -13.34 1.59 15.00
C GLU A 414 -13.51 1.44 16.50
N VAL A 415 -14.78 1.31 16.93
CA VAL A 415 -15.06 1.17 18.36
C VAL A 415 -14.50 -0.13 18.91
N THR A 416 -14.20 -1.10 18.05
CA THR A 416 -13.60 -2.35 18.51
C THR A 416 -12.07 -2.31 18.54
N ASP A 417 -11.45 -1.37 17.83
CA ASP A 417 -10.00 -1.33 17.66
C ASP A 417 -9.36 -0.68 18.88
N LYS A 418 -9.11 -1.48 19.92
CA LYS A 418 -8.65 -0.94 21.20
C LYS A 418 -7.23 -0.38 21.11
N VAL A 419 -6.36 -1.00 20.30
CA VAL A 419 -5.03 -0.43 20.08
C VAL A 419 -5.14 0.87 19.30
N GLY A 420 -5.99 0.88 18.26
CA GLY A 420 -6.16 2.10 17.48
C GLY A 420 -6.74 3.25 18.28
N ILE A 421 -7.62 2.95 19.23
CA ILE A 421 -8.15 4.00 20.12
C ILE A 421 -7.03 4.63 20.92
N GLN A 422 -6.06 3.82 21.35
CA GLN A 422 -4.94 4.37 22.11
C GLN A 422 -4.04 5.23 21.24
N GLY A 423 -3.75 4.78 20.01
CA GLY A 423 -2.95 5.59 19.12
C GLY A 423 -3.61 6.93 18.81
N VAL A 424 -4.91 6.90 18.53
CA VAL A 424 -5.61 8.14 18.22
C VAL A 424 -5.71 9.03 19.45
N SER A 425 -5.84 8.44 20.64
CA SER A 425 -5.82 9.24 21.87
C SER A 425 -4.46 9.87 22.11
N SER A 426 -3.38 9.17 21.75
CA SER A 426 -2.04 9.75 21.85
C SER A 426 -1.91 10.97 20.95
N ILE A 427 -2.54 10.94 19.78
CA ILE A 427 -2.47 12.08 18.86
C ILE A 427 -3.24 13.27 19.40
N LYS A 428 -4.47 13.03 19.87
CA LYS A 428 -5.23 14.07 20.54
C LYS A 428 -4.44 14.68 21.70
N GLN A 429 -3.88 13.83 22.56
CA GLN A 429 -3.15 14.34 23.72
C GLN A 429 -1.92 15.14 23.28
N SER A 430 -1.20 14.65 22.27
CA SER A 430 0.02 15.32 21.84
C SER A 430 -0.28 16.70 21.24
N ILE A 431 -1.16 16.75 20.24
CA ILE A 431 -1.41 18.00 19.53
C ILE A 431 -2.04 19.03 20.47
N GLU A 432 -3.01 18.61 21.26
CA GLU A 432 -3.64 19.54 22.20
C GLU A 432 -2.68 19.98 23.28
N SER A 433 -1.69 19.15 23.62
CA SER A 433 -0.71 19.54 24.63
C SER A 433 0.23 20.63 24.11
N VAL A 434 0.57 20.57 22.83
CA VAL A 434 1.54 21.51 22.27
C VAL A 434 0.85 22.83 21.91
N LEU A 435 -0.27 22.75 21.21
CA LEU A 435 -0.92 23.95 20.71
C LEU A 435 -1.97 24.52 21.66
N GLY A 436 -2.43 23.73 22.63
CA GLY A 436 -3.46 24.18 23.55
C GLY A 436 -4.85 23.82 23.08
N SER A 437 -5.68 23.30 24.00
CA SER A 437 -7.04 22.93 23.62
C SER A 437 -7.94 24.13 23.34
N ASP A 438 -7.48 25.35 23.64
CA ASP A 438 -8.18 26.54 23.18
C ASP A 438 -7.85 26.90 21.74
N ASN A 439 -6.93 26.17 21.11
CA ASN A 439 -6.52 26.43 19.74
C ASN A 439 -6.86 25.30 18.78
N VAL A 440 -6.60 24.05 19.17
CA VAL A 440 -6.94 22.87 18.38
C VAL A 440 -7.56 21.84 19.30
N VAL A 441 -8.56 21.10 18.79
CA VAL A 441 -9.17 19.99 19.50
C VAL A 441 -9.35 18.84 18.52
N ILE A 442 -8.71 17.70 18.81
CA ILE A 442 -8.89 16.48 18.04
C ILE A 442 -10.12 15.77 18.60
N ASP A 443 -11.19 15.73 17.82
CA ASP A 443 -12.42 15.07 18.24
C ASP A 443 -12.43 13.64 17.71
N ILE A 444 -12.30 12.68 18.62
CA ILE A 444 -12.24 11.27 18.25
C ILE A 444 -13.65 10.72 18.07
N GLN A 445 -13.91 10.12 16.91
CA GLN A 445 -15.22 9.55 16.58
C GLN A 445 -15.09 8.03 16.54
N GLN A 446 -15.74 7.35 17.47
CA GLN A 446 -15.72 5.90 17.54
C GLN A 446 -16.95 5.37 16.81
N LEU A 447 -16.72 4.56 15.78
CA LEU A 447 -17.77 4.13 14.87
C LEU A 447 -17.83 2.61 14.81
N THR A 448 -18.98 2.10 14.38
CA THR A 448 -19.12 0.71 14.02
C THR A 448 -18.26 0.40 12.79
N SER A 449 -18.12 -0.89 12.50
CA SER A 449 -17.32 -1.30 11.35
CA SER A 449 -17.33 -1.30 11.35
C SER A 449 -17.94 -0.80 10.05
N ASP A 450 -19.27 -0.79 9.97
CA ASP A 450 -19.94 -0.30 8.77
C ASP A 450 -19.74 1.20 8.60
N GLU A 451 -19.87 1.97 9.69
CA GLU A 451 -19.66 3.41 9.61
C GLU A 451 -18.20 3.73 9.29
N PHE A 452 -17.26 2.95 9.86
CA PHE A 452 -15.84 3.18 9.63
C PHE A 452 -15.47 2.95 8.17
N ASP A 453 -15.93 1.83 7.60
CA ASP A 453 -15.59 1.52 6.21
C ASP A 453 -16.31 2.46 5.24
N SER A 454 -17.58 2.77 5.51
CA SER A 454 -18.36 3.56 4.55
C SER A 454 -17.91 5.01 4.49
N SER A 455 -17.34 5.54 5.57
CA SER A 455 -16.85 6.90 5.60
C SER A 455 -15.36 7.01 5.29
N GLY A 456 -14.64 5.89 5.26
CA GLY A 456 -13.22 5.88 4.99
C GLY A 456 -12.79 5.04 3.79
N TYR A 457 -12.21 3.88 4.12
CA TYR A 457 -11.49 3.06 3.15
C TYR A 457 -12.39 2.59 2.01
N PHE A 458 -13.65 2.30 2.29
CA PHE A 458 -14.56 1.77 1.28
C PHE A 458 -15.55 2.80 0.77
N ALA A 459 -15.40 4.06 1.15
CA ALA A 459 -16.15 5.12 0.50
C ALA A 459 -15.83 5.14 -0.98
N GLN A 460 -16.83 5.44 -1.81
CA GLN A 460 -16.65 5.43 -3.25
C GLN A 460 -16.54 6.82 -3.86
N THR A 461 -16.78 7.88 -3.09
CA THR A 461 -16.62 9.24 -3.56
C THR A 461 -15.92 10.06 -2.49
N ALA A 462 -15.27 11.15 -2.92
CA ALA A 462 -14.69 12.08 -1.98
C ALA A 462 -15.76 12.70 -1.07
N ALA A 463 -16.95 12.94 -1.63
CA ALA A 463 -18.02 13.55 -0.85
C ALA A 463 -18.42 12.69 0.34
N GLN A 464 -18.24 11.37 0.25
CA GLN A 464 -18.63 10.47 1.34
C GLN A 464 -17.60 10.39 2.45
N LYS A 465 -16.39 10.92 2.24
CA LYS A 465 -15.40 10.94 3.30
C LYS A 465 -15.90 11.79 4.46
N ASP A 466 -16.01 11.19 5.64
CA ASP A 466 -16.64 11.82 6.79
C ASP A 466 -15.62 11.91 7.93
N TYR A 467 -14.77 12.92 7.86
CA TYR A 467 -13.67 13.15 8.80
C TYR A 467 -12.97 14.42 8.38
N ASP A 468 -12.17 14.96 9.30
CA ASP A 468 -11.19 15.99 8.94
C ASP A 468 -9.78 15.45 8.83
N LEU A 469 -9.46 14.41 9.61
CA LEU A 469 -8.15 13.77 9.61
C LEU A 469 -8.31 12.31 9.19
N TYR A 470 -7.43 11.86 8.30
CA TYR A 470 -7.43 10.49 7.80
C TYR A 470 -6.05 9.90 8.01
N HIS A 471 -5.99 8.62 8.36
CA HIS A 471 -4.73 7.88 8.44
C HIS A 471 -4.80 6.72 7.46
N GLY A 472 -4.15 6.90 6.30
CA GLY A 472 -4.08 5.87 5.29
C GLY A 472 -2.64 5.57 4.91
N GLY A 473 -2.50 4.68 3.93
CA GLY A 473 -1.18 4.24 3.51
C GLY A 473 -1.17 3.78 2.08
N TRP A 474 0.03 3.71 1.53
CA TRP A 474 0.25 3.32 0.15
C TRP A 474 1.26 2.18 0.05
N GLY A 475 0.95 1.20 -0.79
CA GLY A 475 1.88 0.17 -1.13
C GLY A 475 2.38 0.38 -2.55
N PRO A 476 3.69 0.34 -2.76
CA PRO A 476 4.24 0.59 -4.09
C PRO A 476 3.79 -0.47 -5.10
N ASP A 477 3.34 -0.01 -6.26
CA ASP A 477 2.88 -0.90 -7.33
C ASP A 477 3.97 -1.25 -8.32
N TYR A 478 5.03 -0.44 -8.40
CA TYR A 478 6.13 -0.71 -9.31
C TYR A 478 7.36 0.03 -8.80
N GLN A 479 8.51 -0.32 -9.36
CA GLN A 479 9.81 0.09 -8.81
C GLN A 479 10.24 1.45 -9.39
N ASP A 480 9.52 2.50 -8.98
CA ASP A 480 9.88 3.86 -9.33
C ASP A 480 9.23 4.79 -8.33
N PRO A 481 9.90 5.89 -7.93
CA PRO A 481 9.31 6.80 -6.94
C PRO A 481 7.93 7.33 -7.30
N SER A 482 7.58 7.32 -8.60
CA SER A 482 6.30 7.86 -9.02
C SER A 482 5.12 7.05 -8.50
N THR A 483 5.30 5.76 -8.18
CA THR A 483 4.19 4.99 -7.64
C THR A 483 3.65 5.62 -6.36
N TYR A 484 4.53 6.24 -5.56
CA TYR A 484 4.09 6.89 -4.34
C TYR A 484 3.56 8.30 -4.61
N LEU A 485 4.37 9.13 -5.27
CA LEU A 485 4.09 10.55 -5.34
C LEU A 485 2.97 10.89 -6.33
N ASP A 486 2.69 10.03 -7.31
CA ASP A 486 1.61 10.31 -8.24
C ASP A 486 0.23 10.27 -7.58
N ILE A 487 0.11 9.64 -6.41
CA ILE A 487 -1.21 9.38 -5.83
C ILE A 487 -1.92 10.64 -5.36
N PHE A 488 -1.24 11.79 -5.33
CA PHE A 488 -1.89 13.05 -4.98
C PHE A 488 -2.07 13.97 -6.17
N ASN A 489 -1.80 13.50 -7.40
CA ASN A 489 -1.93 14.37 -8.56
C ASN A 489 -3.40 14.54 -8.91
N THR A 490 -3.74 15.74 -9.38
CA THR A 490 -5.14 16.10 -9.58
C THR A 490 -5.76 15.45 -10.82
N ASN A 491 -4.94 14.94 -11.74
CA ASN A 491 -5.49 14.27 -12.91
C ASN A 491 -5.98 12.86 -12.56
N SER A 492 -5.14 12.04 -11.94
CA SER A 492 -5.49 10.64 -11.72
C SER A 492 -5.03 10.10 -10.37
N GLY A 493 -4.75 10.97 -9.39
CA GLY A 493 -4.23 10.53 -8.10
C GLY A 493 -5.03 9.45 -7.42
N GLY A 494 -4.39 8.31 -7.16
CA GLY A 494 -5.06 7.19 -6.50
C GLY A 494 -5.53 7.49 -5.10
N PHE A 495 -4.93 8.48 -4.44
CA PHE A 495 -5.25 8.82 -3.06
C PHE A 495 -6.08 10.09 -2.94
N LEU A 496 -6.44 10.72 -4.06
CA LEU A 496 -7.06 12.04 -4.02
C LEU A 496 -8.35 12.03 -3.21
N GLN A 497 -9.20 11.03 -3.41
CA GLN A 497 -10.49 11.05 -2.73
C GLN A 497 -10.33 11.05 -1.21
N ASN A 498 -9.25 10.43 -0.71
CA ASN A 498 -8.98 10.47 0.73
C ASN A 498 -8.64 11.88 1.19
N LEU A 499 -8.26 12.77 0.29
CA LEU A 499 -8.06 14.17 0.60
C LEU A 499 -9.33 14.99 0.38
N GLY A 500 -10.44 14.36 0.00
CA GLY A 500 -11.66 15.09 -0.26
C GLY A 500 -11.72 15.70 -1.64
N LEU A 501 -10.89 15.26 -2.57
CA LEU A 501 -10.84 15.82 -3.91
C LEU A 501 -11.11 14.72 -4.93
N GLU A 502 -11.65 15.11 -6.07
CA GLU A 502 -11.95 14.15 -7.12
C GLU A 502 -10.94 14.29 -8.24
N PRO A 503 -10.33 13.19 -8.68
CA PRO A 503 -9.39 13.27 -9.80
C PRO A 503 -10.05 13.81 -11.04
N GLY A 504 -9.34 14.67 -11.76
CA GLY A 504 -9.86 15.26 -12.98
C GLY A 504 -10.82 16.41 -12.77
N GLU A 505 -10.72 17.12 -11.65
CA GLU A 505 -11.65 18.22 -11.36
C GLU A 505 -10.91 19.50 -11.01
N ALA A 506 -9.81 19.38 -10.27
CA ALA A 506 -8.90 20.49 -9.94
C ALA A 506 -9.66 21.75 -9.52
N ASN A 507 -10.44 21.61 -8.44
CA ASN A 507 -11.22 22.75 -7.97
C ASN A 507 -10.31 23.76 -7.26
N ASP A 508 -10.90 24.85 -6.80
CA ASP A 508 -10.11 25.95 -6.24
C ASP A 508 -9.53 25.62 -4.87
N LYS A 509 -10.08 24.64 -4.16
CA LYS A 509 -9.43 24.20 -2.94
C LYS A 509 -8.15 23.44 -3.24
N ALA A 510 -8.15 22.65 -4.32
CA ALA A 510 -6.91 21.99 -4.76
C ALA A 510 -5.86 23.02 -5.18
N LYS A 511 -6.27 24.06 -5.91
CA LYS A 511 -5.33 25.10 -6.31
C LYS A 511 -4.87 25.93 -5.11
N ALA A 512 -5.73 26.07 -4.10
CA ALA A 512 -5.38 26.88 -2.93
C ALA A 512 -4.22 26.28 -2.15
N VAL A 513 -4.04 24.95 -2.24
CA VAL A 513 -2.92 24.28 -1.57
C VAL A 513 -1.79 23.92 -2.51
N GLY A 514 -1.95 24.22 -3.81
CA GLY A 514 -0.87 24.02 -4.76
C GLY A 514 -0.78 22.65 -5.38
N LEU A 515 -1.84 21.84 -5.31
CA LEU A 515 -1.80 20.51 -5.88
C LEU A 515 -1.77 20.54 -7.40
N ASP A 516 -2.20 21.64 -8.02
CA ASP A 516 -2.04 21.78 -9.47
C ASP A 516 -0.57 21.99 -9.83
N VAL A 517 0.15 22.75 -9.01
CA VAL A 517 1.60 22.91 -9.21
C VAL A 517 2.30 21.57 -9.00
N TYR A 518 2.00 20.90 -7.88
CA TYR A 518 2.53 19.58 -7.62
C TYR A 518 2.29 18.64 -8.78
N THR A 519 1.07 18.68 -9.34
CA THR A 519 0.74 17.83 -10.48
C THR A 519 1.58 18.19 -11.71
N GLN A 520 1.82 19.48 -11.93
CA GLN A 520 2.65 19.90 -13.06
C GLN A 520 4.09 19.41 -12.90
N MET A 521 4.60 19.39 -11.66
CA MET A 521 5.96 18.90 -11.44
C MET A 521 6.07 17.41 -11.72
N LEU A 522 5.04 16.65 -11.36
CA LEU A 522 5.05 15.21 -11.63
C LEU A 522 5.12 14.94 -13.13
N GLU A 523 4.42 15.75 -13.93
CA GLU A 523 4.46 15.58 -15.37
C GLU A 523 5.87 15.76 -15.91
N GLU A 524 6.54 16.85 -15.49
CA GLU A 524 7.89 17.11 -15.98
C GLU A 524 8.88 16.09 -15.45
N ALA A 525 8.69 15.63 -14.21
CA ALA A 525 9.59 14.61 -13.65
C ALA A 525 9.45 13.29 -14.38
N ASN A 526 8.24 12.95 -14.82
CA ASN A 526 8.02 11.65 -15.47
C ASN A 526 8.73 11.55 -16.82
N LYS A 527 8.89 12.68 -17.52
CA LYS A 527 9.55 12.67 -18.82
C LYS A 527 11.03 12.39 -18.73
N GLU A 528 11.63 12.50 -17.54
CA GLU A 528 13.05 12.24 -17.37
C GLU A 528 13.31 10.74 -17.41
N GLN A 529 14.25 10.31 -18.26
CA GLN A 529 14.54 8.91 -18.43
C GLN A 529 15.86 8.46 -17.80
N ASP A 530 16.78 9.37 -17.55
CA ASP A 530 17.98 9.01 -16.80
C ASP A 530 17.61 8.76 -15.35
N PRO A 531 17.96 7.60 -14.78
CA PRO A 531 17.51 7.30 -13.41
C PRO A 531 17.96 8.29 -12.37
N ALA A 532 19.23 8.72 -12.43
CA ALA A 532 19.76 9.63 -11.41
C ALA A 532 18.93 10.91 -11.32
N LYS A 533 18.73 11.59 -12.45
CA LYS A 533 17.92 12.81 -12.43
C LYS A 533 16.48 12.54 -12.09
N ARG A 534 15.89 11.57 -12.80
CA ARG A 534 14.51 11.22 -12.53
C ARG A 534 14.29 11.12 -11.03
N TYR A 535 15.17 10.39 -10.35
CA TYR A 535 15.05 10.25 -8.90
C TYR A 535 15.29 11.59 -8.19
N GLU A 536 16.26 12.37 -8.66
CA GLU A 536 16.51 13.67 -8.04
C GLU A 536 15.33 14.61 -8.25
N LYS A 537 14.65 14.49 -9.38
CA LYS A 537 13.46 15.30 -9.61
C LYS A 537 12.32 14.87 -8.69
N TYR A 538 12.16 13.57 -8.47
CA TYR A 538 11.13 13.13 -7.54
C TYR A 538 11.50 13.44 -6.10
N ALA A 539 12.80 13.49 -5.79
CA ALA A 539 13.22 13.93 -4.46
C ALA A 539 12.80 15.36 -4.19
N ASP A 540 12.98 16.23 -5.19
CA ASP A 540 12.51 17.61 -5.07
C ASP A 540 11.00 17.66 -4.89
N ILE A 541 10.27 16.75 -5.55
CA ILE A 541 8.83 16.73 -5.43
C ILE A 541 8.41 16.24 -4.04
N GLN A 542 9.04 15.15 -3.57
CA GLN A 542 8.79 14.69 -2.21
C GLN A 542 9.10 15.78 -1.20
N ALA A 543 10.15 16.56 -1.43
CA ALA A 543 10.48 17.66 -0.54
C ALA A 543 9.37 18.71 -0.54
N TRP A 544 8.88 19.09 -1.73
CA TRP A 544 7.74 20.00 -1.82
C TRP A 544 6.56 19.47 -1.03
N LEU A 545 6.25 18.19 -1.18
CA LEU A 545 5.10 17.61 -0.48
C LEU A 545 5.30 17.65 1.02
N ILE A 546 6.53 17.40 1.50
CA ILE A 546 6.79 17.45 2.94
C ILE A 546 6.54 18.86 3.47
N ASP A 547 7.13 19.87 2.81
CA ASP A 547 6.92 21.24 3.24
C ASP A 547 5.46 21.62 3.22
N SER A 548 4.73 21.19 2.17
CA SER A 548 3.30 21.47 2.10
C SER A 548 2.56 20.91 3.31
N SER A 549 3.10 19.84 3.92
CA SER A 549 2.43 19.16 5.03
C SER A 549 1.01 18.77 4.67
N LEU A 550 0.75 18.56 3.39
CA LEU A 550 -0.50 17.94 2.97
C LEU A 550 -0.56 16.48 3.39
N VAL A 551 0.60 15.90 3.73
CA VAL A 551 0.68 14.60 4.38
C VAL A 551 1.62 14.73 5.58
N LEU A 552 1.32 13.97 6.63
CA LEU A 552 2.16 13.89 7.82
C LEU A 552 2.65 12.45 7.93
N PRO A 553 3.84 12.15 7.41
CA PRO A 553 4.33 10.77 7.44
C PRO A 553 4.41 10.24 8.87
N SER A 554 3.85 9.06 9.10
CA SER A 554 3.79 8.51 10.44
C SER A 554 4.59 7.22 10.59
N VAL A 555 4.19 6.12 9.94
CA VAL A 555 4.75 4.81 10.24
C VAL A 555 4.73 3.96 8.97
N SER A 556 5.50 2.88 9.01
CA SER A 556 5.54 1.88 7.95
C SER A 556 4.90 0.59 8.46
N ARG A 557 4.84 -0.40 7.58
CA ARG A 557 4.65 -1.76 8.05
C ARG A 557 5.99 -2.36 8.44
N GLY A 558 5.95 -3.49 9.14
CA GLY A 558 7.16 -4.10 9.65
C GLY A 558 7.66 -3.42 10.91
N GLY A 559 8.80 -3.90 11.39
CA GLY A 559 9.35 -3.39 12.64
C GLY A 559 8.62 -3.83 13.88
N THR A 560 7.81 -4.88 13.79
CA THR A 560 6.94 -5.31 14.87
C THR A 560 7.41 -6.65 15.46
N PRO A 561 7.13 -6.92 16.73
CA PRO A 561 7.53 -8.19 17.33
C PRO A 561 6.50 -9.29 17.08
N SER A 562 6.99 -10.53 17.01
CA SER A 562 6.10 -11.65 16.72
C SER A 562 6.75 -12.95 17.17
N LEU A 563 5.91 -13.97 17.30
CA LEU A 563 6.33 -15.36 17.42
C LEU A 563 5.96 -16.07 16.13
N ARG A 564 6.79 -17.03 15.72
CA ARG A 564 6.68 -17.59 14.38
C ARG A 564 6.88 -19.10 14.38
N ARG A 565 6.06 -19.78 13.58
CA ARG A 565 6.27 -21.17 13.20
C ARG A 565 6.42 -21.32 11.70
N THR A 566 6.66 -20.21 10.99
CA THR A 566 7.03 -20.21 9.59
C THR A 566 8.54 -20.26 9.47
N VAL A 567 9.01 -20.91 8.41
CA VAL A 567 10.46 -21.02 8.19
C VAL A 567 11.01 -19.67 7.74
N PRO A 568 12.06 -19.14 8.36
CA PRO A 568 12.55 -17.80 8.00
C PRO A 568 13.04 -17.73 6.56
N PHE A 569 12.57 -16.71 5.84
CA PHE A 569 13.05 -16.36 4.49
C PHE A 569 12.81 -17.50 3.50
N ALA A 570 11.68 -18.17 3.65
CA ALA A 570 11.23 -19.17 2.68
C ALA A 570 10.27 -18.58 1.66
N ALA A 571 9.41 -17.66 2.10
CA ALA A 571 8.41 -17.07 1.23
C ALA A 571 9.06 -16.11 0.24
N ALA A 572 8.30 -15.72 -0.77
CA ALA A 572 8.78 -14.75 -1.74
C ALA A 572 8.82 -13.37 -1.12
N TYR A 573 9.69 -12.53 -1.66
CA TYR A 573 9.88 -11.16 -1.20
C TYR A 573 9.88 -10.22 -2.40
N GLY A 574 9.20 -9.10 -2.26
CA GLY A 574 9.18 -8.12 -3.34
C GLY A 574 9.11 -6.70 -2.80
N LEU A 575 9.97 -5.83 -3.32
CA LEU A 575 9.93 -4.43 -2.91
C LEU A 575 8.61 -3.78 -3.33
N THR A 576 8.09 -4.16 -4.50
CA THR A 576 6.84 -3.61 -5.01
C THR A 576 6.00 -4.75 -5.58
N GLY A 577 4.70 -4.52 -5.67
CA GLY A 577 3.80 -5.48 -6.28
C GLY A 577 3.06 -6.32 -5.26
N THR A 578 2.40 -7.36 -5.78
CA THR A 578 1.55 -8.23 -4.97
C THR A 578 2.01 -9.69 -4.96
N LYS A 579 3.22 -9.99 -5.44
CA LYS A 579 3.70 -11.36 -5.49
C LYS A 579 4.88 -11.59 -4.52
N GLY A 580 4.95 -10.80 -3.46
CA GLY A 580 5.96 -11.00 -2.44
C GLY A 580 5.41 -11.60 -1.17
N VAL A 581 5.33 -10.81 -0.10
CA VAL A 581 4.80 -11.31 1.16
C VAL A 581 3.31 -11.59 1.09
N GLU A 582 2.59 -10.96 0.15
CA GLU A 582 1.15 -11.17 0.03
C GLU A 582 0.80 -12.57 -0.46
N SER A 583 1.76 -13.28 -1.07
CA SER A 583 1.51 -14.59 -1.62
C SER A 583 1.95 -15.68 -0.64
N TYR A 584 1.12 -16.70 -0.49
CA TYR A 584 1.44 -17.85 0.35
C TYR A 584 2.18 -18.94 -0.43
N LYS A 585 2.55 -18.67 -1.67
CA LYS A 585 3.48 -19.53 -2.39
C LYS A 585 4.87 -19.45 -1.75
N TYR A 586 5.60 -20.56 -1.84
CA TYR A 586 6.98 -20.69 -1.36
C TYR A 586 7.07 -20.70 0.16
N LEU A 587 5.99 -20.35 0.84
CA LEU A 587 5.99 -20.27 2.30
C LEU A 587 5.98 -21.68 2.88
N LYS A 588 6.73 -21.85 3.98
CA LYS A 588 6.85 -23.15 4.63
C LYS A 588 6.58 -23.00 6.12
N VAL A 589 5.86 -23.98 6.68
CA VAL A 589 5.58 -24.01 8.10
CA VAL A 589 5.55 -24.03 8.10
C VAL A 589 6.37 -25.16 8.72
N GLN A 590 6.64 -25.03 10.02
CA GLN A 590 7.40 -26.02 10.77
C GLN A 590 6.77 -26.21 12.13
N ASP A 591 7.19 -27.26 12.82
CA ASP A 591 6.65 -27.57 14.14
C ASP A 591 7.26 -26.70 15.23
N LYS A 592 8.57 -26.48 15.16
CA LYS A 592 9.29 -25.79 16.21
C LYS A 592 9.09 -24.28 16.11
N ILE A 593 8.88 -23.64 17.25
CA ILE A 593 8.85 -22.18 17.33
C ILE A 593 10.25 -21.67 17.02
N VAL A 594 10.37 -20.83 15.99
CA VAL A 594 11.67 -20.27 15.63
C VAL A 594 12.24 -19.49 16.80
N THR A 595 13.53 -19.67 17.07
CA THR A 595 14.22 -18.89 18.07
C THR A 595 14.75 -17.60 17.47
N THR A 596 14.91 -16.58 18.31
CA THR A 596 15.48 -15.32 17.87
C THR A 596 16.84 -15.53 17.21
N ASP A 597 17.66 -16.42 17.78
CA ASP A 597 18.99 -16.66 17.23
C ASP A 597 18.93 -17.42 15.91
N GLU A 598 17.98 -18.34 15.77
CA GLU A 598 17.82 -19.03 14.49
C GLU A 598 17.40 -18.08 13.39
N TYR A 599 16.52 -17.12 13.70
CA TYR A 599 16.11 -16.14 12.71
C TYR A 599 17.25 -15.21 12.33
N ALA A 600 18.04 -14.78 13.32
CA ALA A 600 19.15 -13.88 13.04
C ALA A 600 20.20 -14.56 12.16
N LYS A 601 20.49 -15.83 12.41
CA LYS A 601 21.42 -16.56 11.56
C LYS A 601 20.88 -16.69 10.15
N ALA A 602 19.56 -16.91 10.02
CA ALA A 602 18.97 -17.02 8.69
C ALA A 602 18.95 -15.67 7.99
N ARG A 603 18.68 -14.59 8.73
CA ARG A 603 18.70 -13.26 8.13
C ARG A 603 20.08 -12.94 7.57
N GLU A 604 21.14 -13.26 8.32
CA GLU A 604 22.50 -13.02 7.84
C GLU A 604 22.80 -13.83 6.59
N LYS A 605 22.42 -15.11 6.58
CA LYS A 605 22.59 -15.94 5.40
C LYS A 605 21.78 -15.39 4.23
N TRP A 606 20.54 -14.98 4.49
CA TRP A 606 19.67 -14.47 3.43
C TRP A 606 20.21 -13.16 2.86
N LEU A 607 20.74 -12.27 3.73
CA LEU A 607 21.26 -10.99 3.24
C LEU A 607 22.43 -11.21 2.28
N LYS A 608 23.27 -12.20 2.56
CA LYS A 608 24.40 -12.48 1.68
C LYS A 608 23.96 -13.16 0.39
N GLU A 609 23.08 -14.16 0.48
CA GLU A 609 22.54 -14.78 -0.72
C GLU A 609 21.79 -13.77 -1.58
N LYS A 610 21.13 -12.80 -0.95
CA LYS A 610 20.34 -11.81 -1.70
C LYS A 610 21.24 -10.89 -2.51
N GLU A 611 22.35 -10.42 -1.91
CA GLU A 611 23.27 -9.55 -2.65
C GLU A 611 23.84 -10.26 -3.87
N GLU A 612 24.22 -11.54 -3.71
CA GLU A 612 24.74 -12.30 -4.84
C GLU A 612 23.66 -12.57 -5.88
N SER A 613 22.45 -12.89 -5.43
CA SER A 613 21.37 -13.20 -6.37
CA SER A 613 21.37 -13.20 -6.36
C SER A 613 20.94 -11.96 -7.13
N ASN A 614 20.78 -10.83 -6.45
CA ASN A 614 20.42 -9.60 -7.16
C ASN A 614 21.51 -9.23 -8.16
N LYS A 615 22.77 -9.52 -7.82
CA LYS A 615 23.87 -9.26 -8.73
C LYS A 615 23.76 -10.09 -10.00
N LYS A 616 23.62 -11.42 -9.86
CA LYS A 616 23.49 -12.27 -11.03
C LYS A 616 22.22 -11.95 -11.81
N ALA A 617 21.19 -11.43 -11.14
CA ALA A 617 19.94 -11.13 -11.83
C ALA A 617 20.11 -9.93 -12.76
N GLN A 618 20.77 -8.87 -12.28
CA GLN A 618 21.04 -7.72 -13.14
C GLN A 618 21.96 -8.07 -14.29
N GLU A 619 22.86 -9.05 -14.08
CA GLU A 619 23.72 -9.50 -15.18
C GLU A 619 22.93 -10.30 -16.21
N GLU A 620 21.97 -11.08 -15.76
CA GLU A 620 21.14 -11.86 -16.67
C GLU A 620 20.29 -10.98 -17.59
N LEU A 621 20.01 -9.74 -17.18
CA LEU A 621 19.09 -8.88 -17.92
C LEU A 621 19.50 -8.69 -19.37
N ALA A 622 20.81 -8.57 -19.62
CA ALA A 622 21.28 -8.31 -20.98
C ALA A 622 20.90 -9.42 -21.95
N LYS A 623 20.84 -10.67 -21.46
CA LYS A 623 20.45 -11.79 -22.31
C LYS A 623 19.08 -11.56 -22.96
N HIS A 624 18.25 -10.73 -22.36
CA HIS A 624 16.87 -10.57 -22.82
C HIS A 624 16.69 -9.47 -23.87
N VAL A 625 17.73 -8.70 -24.18
CA VAL A 625 17.57 -7.64 -25.15
C VAL A 625 17.64 -8.22 -26.56
N LYS A 626 16.67 -7.88 -27.39
CA LYS A 626 16.74 -8.18 -28.81
C LYS A 626 17.84 -7.33 -29.46
N ALA B 1 -1.01 0.49 -4.45
CA ALA B 1 -2.31 0.07 -3.93
C ALA B 1 -2.59 0.71 -2.57
N ILE B 2 -3.87 0.94 -2.29
CA ILE B 2 -4.28 1.62 -1.06
C ILE B 2 -4.24 0.61 0.08
N GLN B 3 -3.47 0.94 1.12
CA GLN B 3 -3.32 0.08 2.29
C GLN B 3 -4.12 0.65 3.45
N SER B 4 -4.87 -0.20 4.12
CA SER B 4 -5.58 0.23 5.32
C SER B 4 -4.61 0.25 6.50
N GLU B 5 -4.79 1.25 7.37
CA GLU B 5 -3.97 1.33 8.58
C GLU B 5 -4.25 0.16 9.52
N LYS B 6 -5.48 -0.38 9.47
CA LYS B 6 -5.88 -1.47 10.37
C LYS B 6 -4.90 -2.63 10.33
N ALA B 7 -4.48 -3.03 9.13
CA ALA B 7 -3.72 -4.26 8.97
C ALA B 7 -2.44 -4.26 9.80
N ARG B 8 -1.89 -3.07 10.09
CA ARG B 8 -0.59 -3.00 10.76
C ARG B 8 -0.65 -3.49 12.21
N LYS B 9 -1.83 -3.61 12.79
CA LYS B 9 -1.94 -4.05 14.18
C LYS B 9 -1.98 -5.56 14.34
N HIS B 10 -2.01 -6.31 13.23
CA HIS B 10 -1.78 -7.75 13.29
C HIS B 10 -0.66 -8.19 12.36
N ASN B 11 -0.08 -7.28 11.59
CA ASN B 11 1.00 -7.60 10.66
C ASN B 11 2.36 -7.31 11.26
#